data_5SCT
#
_entry.id   5SCT
#
_cell.length_a   29.190
_cell.length_b   67.170
_cell.length_c   72.450
_cell.angle_alpha   90.000
_cell.angle_beta   90.000
_cell.angle_gamma   90.000
#
_symmetry.space_group_name_H-M   'P 21 21 21'
#
loop_
_entity.id
_entity.type
_entity.pdbx_description
1 polymer 'Dihydrofolate reductase'
2 non-polymer 'NADP NICOTINAMIDE-ADENINE-DINUCLEOTIDE PHOSPHATE'
3 non-polymer 3-(2-{3-[(2,4-diamino-6-ethylpyrimidin-5-yl)oxy]propoxy}phenyl)-N-(dimethylsulfamoyl)propanamide
4 water water
#
_entity_poly.entity_id   1
_entity_poly.type   'polypeptide(L)'
_entity_poly.pdbx_seq_one_letter_code
;MGSSHHHHHHSSGLVPRGSHMVGLIWAQATSGVIGRGGDIPWRLPEDQAHFREITMGHTIVMGRRTWDSLPAKVRPLPGR
RNVVLSRQADFMASGAEVVGSLEEALTSPETWVIGGGQVYALALPYATRCEVTEVDIGLPREAGDALAPVLDETWRGETG
EWRFSRSGLRYRLYSYHRS
;
_entity_poly.pdbx_strand_id   A
#
# COMPACT_ATOMS: atom_id res chain seq x y z
N HIS A 7 -0.84 -18.46 -18.36
CA HIS A 7 -1.40 -17.16 -17.98
C HIS A 7 -2.56 -17.11 -16.98
N HIS A 8 -3.22 -18.26 -16.73
CA HIS A 8 -4.35 -18.35 -15.78
C HIS A 8 -4.22 -19.36 -14.63
N HIS A 9 -3.00 -19.66 -14.26
CA HIS A 9 -2.74 -20.63 -13.21
C HIS A 9 -3.06 -20.14 -11.83
N HIS A 10 -3.59 -21.00 -11.01
CA HIS A 10 -3.94 -20.62 -9.66
C HIS A 10 -2.75 -20.28 -8.77
N SER A 11 -2.99 -19.41 -7.83
CA SER A 11 -2.01 -19.03 -6.83
C SER A 11 -2.66 -19.34 -5.51
N SER A 12 -1.91 -19.66 -4.49
CA SER A 12 -2.48 -19.97 -3.20
C SER A 12 -2.30 -18.77 -2.29
N GLY A 13 -3.21 -18.61 -1.34
CA GLY A 13 -3.10 -17.61 -0.30
C GLY A 13 -2.19 -17.97 0.84
N LEU A 14 -1.76 -19.23 0.89
CA LEU A 14 -0.85 -19.66 1.94
C LEU A 14 0.57 -19.22 1.51
N VAL A 15 1.39 -18.66 2.41
CA VAL A 15 2.70 -18.15 2.07
C VAL A 15 3.75 -19.07 2.69
N PRO A 16 4.48 -19.86 1.89
CA PRO A 16 5.61 -20.62 2.44
C PRO A 16 6.68 -19.67 2.96
N ARG A 17 7.33 -20.07 4.04
CA ARG A 17 8.25 -19.14 4.69
C ARG A 17 9.53 -18.94 3.87
N GLY A 18 9.79 -19.78 2.88
CA GLY A 18 10.92 -19.56 2.02
C GLY A 18 10.64 -18.67 0.83
N SER A 19 9.42 -18.18 0.68
N SER A 19 9.41 -18.19 0.69
CA SER A 19 9.04 -17.37 -0.47
CA SER A 19 9.01 -17.36 -0.45
C SER A 19 9.11 -15.89 -0.10
C SER A 19 9.16 -15.89 -0.11
N HIS A 20 8.82 -15.06 -1.09
CA HIS A 20 8.78 -13.65 -0.84
C HIS A 20 7.53 -13.09 -1.48
N MET A 21 6.42 -13.10 -0.78
CA MET A 21 5.16 -12.55 -1.25
C MET A 21 5.20 -11.04 -1.08
N VAL A 22 4.94 -10.30 -2.16
CA VAL A 22 4.90 -8.85 -2.13
C VAL A 22 3.49 -8.41 -2.51
N GLY A 23 2.85 -7.67 -1.63
CA GLY A 23 1.55 -7.09 -1.89
C GLY A 23 1.60 -5.58 -1.81
N LEU A 24 0.70 -4.92 -2.55
CA LEU A 24 0.49 -3.48 -2.46
C LEU A 24 -0.86 -3.22 -1.83
N ILE A 25 -0.94 -2.22 -0.96
CA ILE A 25 -2.22 -1.83 -0.37
C ILE A 25 -2.32 -0.31 -0.41
N TRP A 26 -3.42 0.19 -0.97
CA TRP A 26 -3.64 1.62 -1.08
C TRP A 26 -5.11 1.94 -1.11
N ALA A 27 -5.41 3.20 -0.86
CA ALA A 27 -6.73 3.78 -1.02
C ALA A 27 -6.64 4.91 -2.04
N GLN A 28 -7.60 4.98 -2.95
CA GLN A 28 -7.59 6.01 -3.98
C GLN A 28 -8.99 6.57 -4.19
N ALA A 29 -9.03 7.79 -4.70
CA ALA A 29 -10.26 8.32 -5.15
C ALA A 29 -10.46 7.69 -6.56
N THR A 30 -11.66 7.79 -7.09
CA THR A 30 -11.92 7.23 -8.42
C THR A 30 -10.98 7.76 -9.48
N SER A 31 -10.56 9.00 -9.35
CA SER A 31 -9.66 9.59 -10.28
C SER A 31 -8.25 9.03 -10.27
N GLY A 32 -7.93 8.27 -9.23
CA GLY A 32 -6.59 7.74 -9.08
C GLY A 32 -5.72 8.50 -8.08
N VAL A 33 -6.19 9.64 -7.58
CA VAL A 33 -5.41 10.37 -6.58
C VAL A 33 -5.33 9.55 -5.30
N ILE A 34 -4.11 9.41 -4.76
CA ILE A 34 -3.91 8.81 -3.45
C ILE A 34 -3.37 9.81 -2.43
N GLY A 35 -2.82 10.93 -2.86
CA GLY A 35 -2.34 11.91 -1.90
C GLY A 35 -2.13 13.24 -2.58
N ARG A 36 -2.16 14.30 -1.77
CA ARG A 36 -1.86 15.65 -2.24
C ARG A 36 -1.21 16.43 -1.12
N GLY A 37 -0.14 17.11 -1.46
CA GLY A 37 0.55 17.90 -0.50
C GLY A 37 1.08 17.22 0.74
N GLY A 38 1.34 15.93 0.60
CA GLY A 38 1.86 15.19 1.70
C GLY A 38 0.84 14.54 2.63
N ASP A 39 -0.41 14.51 2.23
CA ASP A 39 -1.46 13.96 3.07
C ASP A 39 -2.39 13.11 2.22
N ILE A 40 -3.07 12.17 2.88
CA ILE A 40 -4.17 11.42 2.27
C ILE A 40 -5.43 12.25 2.50
N PRO A 41 -6.20 12.57 1.45
CA PRO A 41 -7.30 13.54 1.61
C PRO A 41 -8.59 12.95 2.15
N TRP A 42 -8.52 11.92 3.00
CA TRP A 42 -9.71 11.38 3.67
C TRP A 42 -9.25 10.55 4.86
N ARG A 43 -10.21 10.28 5.76
CA ARG A 43 -10.00 9.38 6.89
C ARG A 43 -11.28 8.55 6.98
N LEU A 44 -11.25 7.32 6.45
CA LEU A 44 -12.42 6.46 6.55
C LEU A 44 -12.12 5.37 7.57
N PRO A 45 -12.88 5.28 8.68
CA PRO A 45 -12.53 4.27 9.70
C PRO A 45 -12.57 2.84 9.18
N GLU A 46 -13.43 2.56 8.19
CA GLU A 46 -13.46 1.21 7.60
C GLU A 46 -12.16 0.93 6.83
N ASP A 47 -11.62 1.95 6.15
CA ASP A 47 -10.37 1.76 5.43
C ASP A 47 -9.20 1.66 6.39
N GLN A 48 -9.22 2.45 7.47
CA GLN A 48 -8.14 2.38 8.45
C GLN A 48 -8.10 1.01 9.13
N ALA A 49 -9.28 0.47 9.48
CA ALA A 49 -9.33 -0.87 10.07
C ALA A 49 -8.85 -1.92 9.07
N HIS A 50 -9.27 -1.79 7.81
CA HIS A 50 -8.92 -2.76 6.77
C HIS A 50 -7.42 -2.78 6.53
N PHE A 51 -6.80 -1.60 6.45
CA PHE A 51 -5.36 -1.49 6.33
C PHE A 51 -4.64 -2.20 7.48
N ARG A 52 -5.12 -2.03 8.72
N ARG A 52 -5.10 -2.06 8.71
CA ARG A 52 -4.51 -2.74 9.84
CA ARG A 52 -4.48 -2.79 9.78
C ARG A 52 -4.71 -4.25 9.74
C ARG A 52 -4.69 -4.29 9.68
N GLU A 53 -5.92 -4.69 9.37
CA GLU A 53 -6.18 -6.13 9.33
C GLU A 53 -5.29 -6.82 8.31
N ILE A 54 -5.03 -6.17 7.18
CA ILE A 54 -4.21 -6.78 6.12
C ILE A 54 -2.74 -6.80 6.53
N THR A 55 -2.26 -5.70 7.11
CA THR A 55 -0.82 -5.57 7.29
C THR A 55 -0.30 -6.08 8.63
N MET A 56 -1.15 -6.26 9.63
CA MET A 56 -0.64 -6.56 10.97
C MET A 56 0.16 -7.84 10.99
N GLY A 57 1.33 -7.78 11.64
CA GLY A 57 2.19 -8.93 11.78
C GLY A 57 3.20 -9.12 10.66
N HIS A 58 3.14 -8.31 9.63
CA HIS A 58 4.01 -8.46 8.47
C HIS A 58 4.99 -7.31 8.40
N THR A 59 5.86 -7.35 7.40
CA THR A 59 6.72 -6.22 7.12
C THR A 59 5.97 -5.22 6.25
N ILE A 60 6.10 -3.94 6.56
CA ILE A 60 5.55 -2.86 5.75
C ILE A 60 6.68 -2.03 5.20
N VAL A 61 6.62 -1.76 3.90
CA VAL A 61 7.63 -1.01 3.17
C VAL A 61 6.98 0.28 2.70
N MET A 62 7.66 1.41 2.93
CA MET A 62 7.13 2.70 2.51
C MET A 62 8.25 3.57 1.98
N GLY A 63 7.88 4.52 1.13
CA GLY A 63 8.82 5.49 0.66
C GLY A 63 9.15 6.53 1.75
N ARG A 64 10.28 7.17 1.59
CA ARG A 64 10.72 8.15 2.58
C ARG A 64 9.68 9.26 2.76
N ARG A 65 9.04 9.69 1.68
CA ARG A 65 8.05 10.76 1.80
C ARG A 65 6.81 10.32 2.56
N THR A 66 6.41 9.05 2.42
CA THR A 66 5.32 8.53 3.23
C THR A 66 5.68 8.47 4.70
N TRP A 67 6.90 8.01 5.04
CA TRP A 67 7.36 8.08 6.42
C TRP A 67 7.27 9.51 6.96
N ASP A 68 7.76 10.48 6.18
CA ASP A 68 7.74 11.88 6.59
C ASP A 68 6.34 12.33 6.94
N SER A 69 5.34 11.82 6.22
CA SER A 69 3.95 12.25 6.36
C SER A 69 3.26 11.63 7.56
N LEU A 70 3.73 10.51 8.05
CA LEU A 70 3.18 9.93 9.28
C LEU A 70 3.53 10.84 10.44
N PRO A 71 2.57 11.15 11.32
CA PRO A 71 2.91 11.95 12.51
C PRO A 71 4.02 11.29 13.31
N ALA A 72 4.92 12.11 13.82
CA ALA A 72 6.11 11.57 14.49
C ALA A 72 5.73 10.69 15.67
N LYS A 73 4.65 11.02 16.32
CA LYS A 73 4.23 10.25 17.45
C LYS A 73 3.67 8.89 17.15
N VAL A 74 3.17 8.66 15.94
CA VAL A 74 2.58 7.36 15.60
C VAL A 74 3.55 6.42 14.88
N ARG A 75 4.65 6.94 14.35
CA ARG A 75 5.59 6.10 13.63
C ARG A 75 6.74 5.69 14.55
N PRO A 76 7.28 4.48 14.36
CA PRO A 76 6.87 3.48 13.38
C PRO A 76 5.52 2.85 13.71
N LEU A 77 4.80 2.39 12.70
CA LEU A 77 3.49 1.79 12.94
C LEU A 77 3.67 0.50 13.73
N PRO A 78 2.92 0.30 14.80
CA PRO A 78 3.19 -0.83 15.70
C PRO A 78 2.71 -2.15 15.12
N GLY A 79 3.29 -3.23 15.63
CA GLY A 79 2.89 -4.57 15.25
C GLY A 79 3.40 -5.03 13.91
N ARG A 80 4.26 -4.24 13.28
CA ARG A 80 4.77 -4.50 11.93
C ARG A 80 6.21 -4.02 11.86
N ARG A 81 7.04 -4.76 11.12
CA ARG A 81 8.40 -4.31 10.85
C ARG A 81 8.35 -3.19 9.82
N ASN A 82 8.75 -1.97 10.21
CA ASN A 82 8.71 -0.80 9.35
C ASN A 82 10.02 -0.68 8.59
N VAL A 83 9.95 -0.63 7.26
CA VAL A 83 11.11 -0.43 6.40
C VAL A 83 10.84 0.77 5.51
N VAL A 84 11.80 1.71 5.45
CA VAL A 84 11.65 2.95 4.69
C VAL A 84 12.69 2.96 3.58
N LEU A 85 12.25 3.27 2.38
CA LEU A 85 13.17 3.37 1.27
C LEU A 85 13.62 4.82 1.06
N SER A 86 14.94 5.01 1.05
CA SER A 86 15.55 6.31 0.73
C SER A 86 16.85 6.10 -0.05
N ARG A 87 17.13 7.04 -0.94
CA ARG A 87 18.41 7.03 -1.66
C ARG A 87 19.39 7.98 -0.96
N GLN A 88 18.94 8.62 0.10
CA GLN A 88 19.77 9.56 0.84
C GLN A 88 20.58 8.85 1.92
N ALA A 89 21.90 8.92 1.84
CA ALA A 89 22.73 8.18 2.77
C ALA A 89 22.59 8.68 4.20
N ASP A 90 22.12 9.89 4.38
CA ASP A 90 21.95 10.47 5.68
C ASP A 90 20.52 10.56 6.19
N PHE A 91 19.60 9.92 5.50
CA PHE A 91 18.23 9.87 6.01
C PHE A 91 18.09 8.75 7.03
N MET A 92 17.50 9.08 8.18
CA MET A 92 17.33 8.13 9.27
C MET A 92 15.88 8.17 9.75
N ALA A 93 15.38 7.00 10.16
CA ALA A 93 14.00 6.85 10.61
C ALA A 93 14.04 6.16 11.97
N SER A 94 13.80 6.94 13.03
CA SER A 94 13.87 6.38 14.38
C SER A 94 12.85 5.27 14.57
N GLY A 95 13.32 4.11 15.02
CA GLY A 95 12.47 2.97 15.24
C GLY A 95 12.27 2.08 14.04
N ALA A 96 12.81 2.43 12.88
CA ALA A 96 12.62 1.69 11.66
C ALA A 96 13.97 1.50 10.98
N GLU A 97 13.97 0.65 9.96
CA GLU A 97 15.13 0.41 9.11
C GLU A 97 15.00 1.19 7.82
N VAL A 98 16.05 1.95 7.46
CA VAL A 98 16.12 2.62 6.17
C VAL A 98 16.99 1.79 5.24
N VAL A 99 16.49 1.50 4.05
CA VAL A 99 17.24 0.76 3.04
C VAL A 99 17.26 1.53 1.73
N GLY A 100 18.26 1.27 0.92
CA GLY A 100 18.49 1.97 -0.31
C GLY A 100 17.92 1.38 -1.59
N SER A 101 17.20 0.29 -1.47
CA SER A 101 16.58 -0.34 -2.60
C SER A 101 15.43 -1.21 -2.21
N LEU A 102 14.56 -1.46 -3.16
CA LEU A 102 13.45 -2.34 -2.94
C LEU A 102 13.97 -3.74 -2.71
N GLU A 103 15.02 -4.12 -3.42
CA GLU A 103 15.56 -5.44 -3.24
C GLU A 103 16.03 -5.72 -1.81
N GLU A 104 16.58 -4.74 -1.13
CA GLU A 104 16.97 -4.87 0.24
C GLU A 104 15.82 -4.91 1.23
N ALA A 105 14.71 -4.34 0.84
CA ALA A 105 13.52 -4.24 1.66
CA ALA A 105 13.56 -4.23 1.57
C ALA A 105 12.69 -5.51 1.65
N LEU A 106 12.85 -6.32 0.61
CA LEU A 106 12.04 -7.52 0.44
C LEU A 106 12.70 -8.80 0.92
N THR A 107 13.09 -8.82 2.17
CA THR A 107 13.72 -9.99 2.73
C THR A 107 12.80 -10.86 3.59
N SER A 108 11.62 -10.39 3.91
CA SER A 108 10.66 -11.12 4.72
C SER A 108 9.77 -11.99 3.84
N PRO A 109 9.13 -13.02 4.42
CA PRO A 109 8.24 -13.85 3.60
C PRO A 109 7.00 -13.13 3.09
N GLU A 110 6.42 -12.21 3.87
N GLU A 110 6.45 -12.20 3.87
CA GLU A 110 5.24 -11.46 3.46
CA GLU A 110 5.26 -11.44 3.49
C GLU A 110 5.48 -9.98 3.69
C GLU A 110 5.55 -9.96 3.69
N THR A 111 5.44 -9.19 2.62
CA THR A 111 5.71 -7.76 2.66
C THR A 111 4.54 -7.01 2.05
N TRP A 112 4.07 -5.97 2.74
CA TRP A 112 3.06 -5.08 2.20
C TRP A 112 3.70 -3.73 1.93
N VAL A 113 3.65 -3.31 0.67
CA VAL A 113 4.07 -1.96 0.30
C VAL A 113 2.90 -1.03 0.56
N ILE A 114 3.13 -0.01 1.40
CA ILE A 114 2.03 0.81 1.94
C ILE A 114 2.06 2.24 1.43
N GLY A 115 2.89 2.54 0.44
CA GLY A 115 2.90 3.83 -0.23
C GLY A 115 4.30 4.40 -0.33
N GLY A 116 4.45 5.48 -1.05
CA GLY A 116 3.43 6.16 -1.78
C GLY A 116 3.50 5.94 -3.28
N GLY A 117 3.23 6.98 -4.02
CA GLY A 117 3.15 6.86 -5.47
C GLY A 117 4.35 6.29 -6.16
N GLN A 118 5.50 6.81 -5.82
CA GLN A 118 6.72 6.35 -6.42
C GLN A 118 7.02 4.90 -6.07
N VAL A 119 6.86 4.57 -4.81
CA VAL A 119 7.18 3.22 -4.37
C VAL A 119 6.20 2.14 -4.92
N TYR A 120 4.95 2.50 -5.05
CA TYR A 120 3.99 1.57 -5.62
C TYR A 120 4.45 1.25 -7.05
N ALA A 121 4.83 2.26 -7.77
CA ALA A 121 5.26 2.05 -9.15
C ALA A 121 6.47 1.11 -9.23
N LEU A 122 7.39 1.35 -8.34
CA LEU A 122 8.60 0.61 -8.28
C LEU A 122 8.41 -0.85 -7.88
N ALA A 123 7.45 -1.07 -7.00
CA ALA A 123 7.21 -2.41 -6.48
C ALA A 123 6.30 -3.30 -7.27
N LEU A 124 5.45 -2.68 -8.07
CA LEU A 124 4.47 -3.47 -8.81
C LEU A 124 4.99 -4.72 -9.55
N PRO A 125 6.17 -4.51 -10.23
CA PRO A 125 6.67 -5.65 -10.96
C PRO A 125 6.95 -6.89 -10.15
N TYR A 126 7.15 -6.71 -8.86
CA TYR A 126 7.40 -7.85 -7.99
C TYR A 126 6.16 -8.34 -7.26
N ALA A 127 5.05 -7.62 -7.38
CA ALA A 127 3.89 -7.86 -6.53
C ALA A 127 2.97 -8.91 -7.16
N THR A 128 2.33 -9.67 -6.28
CA THR A 128 1.37 -10.67 -6.69
C THR A 128 -0.03 -10.44 -6.08
N ARG A 129 -0.13 -9.41 -5.26
CA ARG A 129 -1.39 -9.05 -4.66
C ARG A 129 -1.52 -7.51 -4.54
N CYS A 130 -2.74 -7.01 -4.82
CA CYS A 130 -3.08 -5.62 -4.52
C CYS A 130 -4.39 -5.60 -3.77
N GLU A 131 -4.44 -4.83 -2.70
CA GLU A 131 -5.67 -4.60 -1.95
C GLU A 131 -5.99 -3.11 -2.04
N VAL A 132 -7.08 -2.79 -2.73
CA VAL A 132 -7.40 -1.40 -3.09
C VAL A 132 -8.71 -0.99 -2.45
N THR A 133 -8.72 0.18 -1.85
CA THR A 133 -9.95 0.87 -1.46
C THR A 133 -10.19 2.02 -2.42
N GLU A 134 -11.38 2.05 -3.04
CA GLU A 134 -11.81 3.16 -3.88
C GLU A 134 -12.75 4.03 -3.07
N VAL A 135 -12.46 5.32 -3.01
CA VAL A 135 -13.25 6.28 -2.24
C VAL A 135 -14.03 7.14 -3.24
N ASP A 136 -15.36 7.22 -3.05
CA ASP A 136 -16.23 7.93 -3.99
C ASP A 136 -16.30 9.42 -3.65
N ILE A 137 -15.15 10.06 -3.77
CA ILE A 137 -15.01 11.48 -3.47
C ILE A 137 -14.59 12.19 -4.76
N GLY A 138 -15.23 13.31 -5.03
CA GLY A 138 -14.87 14.14 -6.17
C GLY A 138 -13.54 14.81 -5.92
N LEU A 139 -12.46 14.21 -6.45
CA LEU A 139 -11.11 14.70 -6.21
C LEU A 139 -10.35 14.69 -7.53
N PRO A 140 -10.31 15.82 -8.22
CA PRO A 140 -9.60 15.87 -9.51
C PRO A 140 -8.10 15.75 -9.36
N ARG A 141 -7.47 15.17 -10.40
CA ARG A 141 -6.01 15.06 -10.43
C ARG A 141 -5.38 16.42 -10.71
N GLU A 142 -4.48 16.84 -9.84
CA GLU A 142 -3.73 18.07 -10.06
C GLU A 142 -2.24 17.75 -10.14
N ALA A 143 -1.51 18.61 -10.85
CA ALA A 143 -0.07 18.44 -10.96
C ALA A 143 0.55 18.35 -9.57
N GLY A 144 1.39 17.36 -9.38
CA GLY A 144 2.02 17.18 -8.11
C GLY A 144 1.36 16.14 -7.22
N ASP A 145 0.16 15.72 -7.57
CA ASP A 145 -0.53 14.70 -6.79
C ASP A 145 0.21 13.38 -6.83
N ALA A 146 0.09 12.62 -5.75
CA ALA A 146 0.51 11.24 -5.76
C ALA A 146 -0.63 10.41 -6.33
N LEU A 147 -0.31 9.51 -7.24
CA LEU A 147 -1.30 8.70 -7.91
C LEU A 147 -1.07 7.20 -7.76
N ALA A 148 -2.17 6.47 -7.87
CA ALA A 148 -2.16 5.05 -7.81
C ALA A 148 -1.60 4.43 -9.09
N PRO A 149 -1.11 3.21 -8.92
CA PRO A 149 -0.64 2.48 -10.07
C PRO A 149 -1.88 1.97 -10.81
N VAL A 150 -1.73 1.66 -12.10
CA VAL A 150 -2.80 1.10 -12.92
CA VAL A 150 -2.75 1.11 -13.01
C VAL A 150 -2.43 -0.36 -13.22
N LEU A 151 -3.39 -1.26 -13.12
CA LEU A 151 -3.14 -2.69 -13.25
C LEU A 151 -3.49 -3.22 -14.64
N ASP A 152 -2.56 -3.93 -15.23
CA ASP A 152 -2.71 -4.47 -16.57
C ASP A 152 -3.46 -5.81 -16.55
N GLU A 153 -3.55 -6.47 -17.71
CA GLU A 153 -4.35 -7.68 -17.85
C GLU A 153 -3.72 -8.91 -17.22
N THR A 154 -2.54 -8.79 -16.65
CA THR A 154 -1.98 -9.92 -15.97
C THR A 154 -2.65 -10.07 -14.59
N TRP A 155 -3.34 -9.05 -14.18
CA TRP A 155 -3.98 -9.04 -12.88
C TRP A 155 -5.42 -9.45 -12.93
N ARG A 156 -5.81 -10.33 -12.05
CA ARG A 156 -7.20 -10.73 -11.98
C ARG A 156 -7.71 -10.20 -10.65
N GLY A 157 -8.97 -9.85 -10.62
CA GLY A 157 -9.52 -9.30 -9.42
C GLY A 157 -11.00 -9.41 -9.19
N GLU A 158 -11.35 -9.03 -7.98
CA GLU A 158 -12.73 -9.01 -7.50
C GLU A 158 -13.03 -7.63 -6.94
N THR A 159 -14.21 -7.12 -7.27
CA THR A 159 -14.67 -5.81 -6.84
C THR A 159 -15.87 -6.01 -5.92
N GLY A 160 -15.82 -5.41 -4.74
CA GLY A 160 -16.99 -5.43 -3.87
C GLY A 160 -18.04 -4.43 -4.31
N GLU A 161 -19.23 -4.57 -3.74
CA GLU A 161 -20.28 -3.58 -3.97
C GLU A 161 -19.91 -2.27 -3.26
N TRP A 162 -20.48 -1.17 -3.75
CA TRP A 162 -20.31 0.10 -3.06
C TRP A 162 -20.86 -0.03 -1.65
N ARG A 163 -20.08 0.41 -0.67
CA ARG A 163 -20.48 0.43 0.74
C ARG A 163 -20.46 1.86 1.24
N PHE A 164 -21.00 2.07 2.44
CA PHE A 164 -21.19 3.43 2.95
C PHE A 164 -20.44 3.59 4.25
N SER A 165 -19.49 4.52 4.28
CA SER A 165 -18.69 4.75 5.48
C SER A 165 -19.44 5.57 6.50
N ARG A 166 -19.14 5.31 7.78
CA ARG A 166 -19.58 6.20 8.84
C ARG A 166 -19.20 7.64 8.55
N SER A 167 -18.07 7.85 7.86
N SER A 167 -18.07 7.85 7.86
CA SER A 167 -17.61 9.18 7.49
CA SER A 167 -17.63 9.20 7.52
C SER A 167 -18.48 9.83 6.43
C SER A 167 -18.48 9.84 6.43
N GLY A 168 -19.49 9.13 5.89
CA GLY A 168 -20.42 9.72 4.95
C GLY A 168 -20.01 9.66 3.49
N LEU A 169 -18.96 8.92 3.17
CA LEU A 169 -18.51 8.68 1.79
C LEU A 169 -18.78 7.24 1.40
N ARG A 170 -19.12 7.02 0.14
CA ARG A 170 -19.15 5.66 -0.35
C ARG A 170 -17.72 5.18 -0.62
N TYR A 171 -17.53 3.87 -0.50
CA TYR A 171 -16.25 3.26 -0.78
C TYR A 171 -16.48 1.82 -1.22
N ARG A 172 -15.50 1.22 -1.89
CA ARG A 172 -15.59 -0.21 -2.16
C ARG A 172 -14.19 -0.80 -2.24
N LEU A 173 -14.14 -2.09 -2.02
CA LEU A 173 -12.88 -2.80 -1.85
C LEU A 173 -12.62 -3.67 -3.07
N TYR A 174 -11.39 -3.64 -3.54
CA TYR A 174 -10.93 -4.51 -4.62
C TYR A 174 -9.82 -5.40 -4.11
N SER A 175 -9.77 -6.63 -4.62
N SER A 175 -9.81 -6.66 -4.53
CA SER A 175 -8.74 -7.60 -4.28
CA SER A 175 -8.71 -7.57 -4.29
C SER A 175 -8.21 -8.22 -5.57
C SER A 175 -8.24 -8.08 -5.63
N TYR A 176 -6.95 -7.95 -5.89
CA TYR A 176 -6.34 -8.39 -7.14
C TYR A 176 -5.12 -9.30 -6.84
N HIS A 177 -4.93 -10.18 -7.79
CA HIS A 177 -3.84 -11.11 -7.67
C HIS A 177 -3.25 -11.45 -9.05
N ARG A 178 -2.02 -11.94 -9.03
CA ARG A 178 -1.46 -12.52 -10.23
C ARG A 178 -0.42 -13.59 -9.80
N SER A 179 0.05 -14.39 -10.75
CA SER A 179 1.00 -15.47 -10.48
C SER A 179 2.42 -15.01 -10.16
#